data_4O8A
#
_entry.id   4O8A
#
_cell.length_a   72.620
_cell.length_b   140.430
_cell.length_c   145.850
_cell.angle_alpha   90.000
_cell.angle_beta   90.000
_cell.angle_gamma   90.000
#
_symmetry.space_group_name_H-M   'I 2 2 2'
#
loop_
_entity.id
_entity.type
_entity.pdbx_description
1 polymer 'Bifunctional protein PutA'
2 non-polymer 'FLAVIN-ADENINE DINUCLEOTIDE'
3 non-polymer '(2S)-2-HYDROXYPROPANOIC ACID'
4 non-polymer 'TETRAETHYLENE GLYCOL'
5 water water
#
_entity_poly.entity_id   1
_entity_poly.type   'polypeptide(L)'
_entity_poly.pdbx_seq_one_letter_code
;MGTTTMGVKLDDATRERIKSAATRIDRTPHWLIKQAIFSYLEQLENSDTLPELPALLSGAANESDEAPTPAEEPHQPFLD
FAEQILPQSVSRAAITAAYRRPETEAVSMLLEQARLPQPVAEQAHKLAYQLADKLRNQKNASGRAGMVQGLLQEFSLSSQ
EGVALMCLAEALLRIPDKATRDALIRDKISNGNWQSHIGRSPSLFVNAATWGLLFTGKLVSTHNEASLSRSLNRIIGKSG
EPLIRKGVDMAMRLMGEQFVTGETIAEALANARKLEEKGFRYSYDMLGEAALTAADAQAYMVSYQQAIHAIGKASNGRGI
YEGPGISIKLSALHPRYSRAQYDRVMEELYPRLKSLTLLARQYDIGINIDAEESDRLEISLDLLEKLCFEPELAGWNGIG
FVIQAYQKRCPLVIDYLIDLATRSRRRLMIRLVKGAYWDSEIKRAQMDGLEGYPVYTRKVYTDVSYLACAKKLLAVPNLI
YPQFATHNAHTLAAIYQLAGQNYYPGQYEFQCLHGMGEPLYEQVTGKVADGKLNRPCRIYAPVGTHETLLAYLVRRLLEN
GANTSFVNRIADTSLPLDELVADPVTAVEKLAQQEGQTGLPHPKIPLPRDLYGHGRDNSAGLDLANEHRLASLSSALLNS
ALQKWQALPMLEQPVAAGEMSPVINPAEPSSSVDKLAAALEHHHHHH
;
_entity_poly.pdbx_strand_id   A
#
loop_
_chem_comp.id
_chem_comp.type
_chem_comp.name
_chem_comp.formula
2OP non-polymer '(2S)-2-HYDROXYPROPANOIC ACID' 'C3 H6 O3'
FAD non-polymer 'FLAVIN-ADENINE DINUCLEOTIDE' 'C27 H33 N9 O15 P2'
PG4 non-polymer 'TETRAETHYLENE GLYCOL' 'C8 H18 O5'
#
# COMPACT_ATOMS: atom_id res chain seq x y z
N GLN A 88 -11.48 27.50 -9.97
CA GLN A 88 -11.53 26.04 -9.90
C GLN A 88 -12.97 25.54 -9.81
N SER A 89 -13.18 24.31 -10.25
CA SER A 89 -14.49 23.66 -10.09
C SER A 89 -14.81 23.53 -8.61
N VAL A 90 -16.08 23.27 -8.31
CA VAL A 90 -16.52 23.12 -6.93
C VAL A 90 -15.70 22.07 -6.18
N SER A 91 -15.55 20.90 -6.78
CA SER A 91 -14.81 19.82 -6.11
C SER A 91 -13.30 20.09 -6.04
N ARG A 92 -12.75 20.75 -7.05
CA ARG A 92 -11.33 21.14 -7.01
C ARG A 92 -11.06 22.16 -5.90
N ALA A 93 -11.92 23.18 -5.80
CA ALA A 93 -11.86 24.15 -4.72
C ALA A 93 -11.86 23.50 -3.33
N ALA A 94 -12.74 22.52 -3.13
CA ALA A 94 -12.87 21.87 -1.83
C ALA A 94 -11.58 21.12 -1.46
N ILE A 95 -10.94 20.52 -2.47
CA ILE A 95 -9.65 19.86 -2.27
C ILE A 95 -8.63 20.85 -1.75
N THR A 96 -8.49 21.96 -2.46
CA THR A 96 -7.54 23.00 -2.12
C THR A 96 -7.75 23.52 -0.69
N ALA A 97 -9.01 23.75 -0.32
CA ALA A 97 -9.32 24.29 1.00
C ALA A 97 -8.95 23.33 2.13
N ALA A 98 -8.91 22.04 1.83
CA ALA A 98 -8.64 21.04 2.86
C ALA A 98 -7.17 20.68 3.01
N TYR A 99 -6.33 21.29 2.17
CA TYR A 99 -4.89 20.98 2.08
C TYR A 99 -4.22 20.68 3.43
N ARG A 100 -4.32 21.62 4.36
CA ARG A 100 -3.69 21.48 5.68
C ARG A 100 -4.66 21.75 6.82
N ARG A 101 -5.90 21.31 6.65
CA ARG A 101 -6.96 21.42 7.65
C ARG A 101 -6.50 20.94 9.03
N PRO A 102 -6.86 21.67 10.10
CA PRO A 102 -6.47 21.24 11.45
C PRO A 102 -6.90 19.79 11.73
N GLU A 103 -6.08 19.06 12.49
CA GLU A 103 -6.34 17.64 12.72
C GLU A 103 -7.59 17.33 13.54
N THR A 104 -7.84 18.11 14.58
CA THR A 104 -9.04 17.94 15.38
C THR A 104 -10.28 17.99 14.49
N GLU A 105 -10.30 18.99 13.61
CA GLU A 105 -11.40 19.17 12.67
C GLU A 105 -11.49 18.06 11.62
N ALA A 106 -10.35 17.67 11.04
CA ALA A 106 -10.39 16.62 10.01
C ALA A 106 -10.78 15.27 10.59
N VAL A 107 -10.18 14.91 11.72
CA VAL A 107 -10.48 13.63 12.36
C VAL A 107 -11.92 13.56 12.85
N SER A 108 -12.42 14.65 13.45
CA SER A 108 -13.80 14.68 13.93
C SER A 108 -14.78 14.44 12.79
N MET A 109 -14.46 14.98 11.62
CA MET A 109 -15.28 14.79 10.42
C MET A 109 -15.26 13.35 9.94
N LEU A 110 -14.08 12.73 9.94
CA LEU A 110 -13.94 11.39 9.38
C LEU A 110 -14.54 10.33 10.28
N LEU A 111 -14.68 10.64 11.57
CA LEU A 111 -14.94 9.63 12.57
C LEU A 111 -16.26 8.90 12.35
N GLU A 112 -17.33 9.68 12.20
CA GLU A 112 -18.66 9.11 12.00
C GLU A 112 -18.84 8.55 10.59
N GLN A 113 -17.92 8.88 9.69
CA GLN A 113 -17.91 8.28 8.36
C GLN A 113 -17.18 6.94 8.38
N ALA A 114 -16.20 6.80 9.29
CA ALA A 114 -15.41 5.58 9.35
C ALA A 114 -15.99 4.51 10.27
N ARG A 115 -16.88 4.90 11.17
CA ARG A 115 -17.38 3.96 12.20
C ARG A 115 -18.12 2.79 11.59
N LEU A 116 -17.74 1.57 11.99
CA LEU A 116 -18.42 0.37 11.55
C LEU A 116 -19.69 0.15 12.36
N PRO A 117 -20.82 -0.07 11.67
CA PRO A 117 -22.05 -0.47 12.36
C PRO A 117 -21.76 -1.69 13.23
N GLN A 118 -22.34 -1.76 14.42
CA GLN A 118 -21.99 -2.79 15.42
C GLN A 118 -21.76 -4.24 14.95
N PRO A 119 -22.72 -4.82 14.19
CA PRO A 119 -22.52 -6.23 13.80
C PRO A 119 -21.35 -6.38 12.85
N VAL A 120 -21.15 -5.37 12.00
CA VAL A 120 -20.04 -5.35 11.04
C VAL A 120 -18.72 -5.23 11.77
N ALA A 121 -18.69 -4.44 12.85
CA ALA A 121 -17.49 -4.27 13.64
C ALA A 121 -17.06 -5.60 14.27
N GLU A 122 -18.05 -6.32 14.81
CA GLU A 122 -17.83 -7.62 15.41
C GLU A 122 -17.26 -8.62 14.41
N GLN A 123 -17.88 -8.69 13.24
CA GLN A 123 -17.39 -9.61 12.20
C GLN A 123 -16.01 -9.20 11.71
N ALA A 124 -15.78 -7.89 11.55
CA ALA A 124 -14.45 -7.42 11.15
C ALA A 124 -13.42 -7.82 12.19
N HIS A 125 -13.75 -7.64 13.46
CA HIS A 125 -12.84 -8.03 14.55
C HIS A 125 -12.50 -9.52 14.54
N LYS A 126 -13.53 -10.37 14.43
CA LYS A 126 -13.32 -11.81 14.42
C LYS A 126 -12.45 -12.23 13.25
N LEU A 127 -12.75 -11.69 12.07
CA LEU A 127 -11.97 -12.01 10.87
C LEU A 127 -10.53 -11.53 10.99
N ALA A 128 -10.35 -10.28 11.40
CA ALA A 128 -9.03 -9.70 11.62
C ALA A 128 -8.19 -10.54 12.61
N TYR A 129 -8.82 -10.91 13.72
CA TYR A 129 -8.14 -11.71 14.73
C TYR A 129 -7.67 -13.03 14.12
N GLN A 130 -8.55 -13.67 13.37
CA GLN A 130 -8.27 -14.97 12.75
C GLN A 130 -7.16 -14.90 11.71
N LEU A 131 -7.20 -13.88 10.85
CA LEU A 131 -6.12 -13.65 9.90
C LEU A 131 -4.78 -13.45 10.62
N ALA A 132 -4.79 -12.60 11.65
CA ALA A 132 -3.55 -12.22 12.31
C ALA A 132 -3.02 -13.37 13.15
N ASP A 133 -3.92 -14.21 13.64
CA ASP A 133 -3.55 -15.39 14.41
C ASP A 133 -2.84 -16.40 13.51
N LYS A 134 -3.39 -16.66 12.32
CA LYS A 134 -2.78 -17.61 11.41
C LYS A 134 -1.44 -17.08 10.89
N LEU A 135 -1.38 -15.78 10.61
CA LEU A 135 -0.21 -15.15 10.03
C LEU A 135 0.98 -15.26 10.99
N ARG A 136 0.71 -14.97 12.25
CA ARG A 136 1.74 -14.91 13.28
C ARG A 136 2.14 -16.32 13.70
N ASN A 137 1.15 -17.19 13.80
CA ASN A 137 1.37 -18.50 14.42
C ASN A 137 1.36 -19.64 13.42
N GLN A 138 1.62 -19.31 12.15
CA GLN A 138 1.67 -20.30 11.07
C GLN A 138 2.64 -21.44 11.42
N LYS A 139 3.87 -21.09 11.78
CA LYS A 139 4.83 -22.09 12.24
C LYS A 139 4.87 -22.13 13.76
N ASN A 140 3.73 -21.81 14.38
CA ASN A 140 3.56 -21.94 15.84
C ASN A 140 4.54 -21.05 16.63
N ALA A 141 4.76 -19.83 16.15
CA ALA A 141 5.72 -18.92 16.80
C ALA A 141 5.36 -18.60 18.25
N SER A 142 4.10 -18.29 18.53
CA SER A 142 3.71 -17.94 19.90
C SER A 142 3.71 -19.15 20.85
N GLY A 143 3.22 -20.29 20.38
CA GLY A 143 3.25 -21.51 21.18
C GLY A 143 4.68 -21.88 21.56
N ARG A 144 5.59 -21.75 20.60
CA ARG A 144 7.00 -22.07 20.81
C ARG A 144 7.68 -21.06 21.73
N ALA A 145 7.25 -19.81 21.66
CA ALA A 145 7.75 -18.76 22.55
C ALA A 145 7.21 -18.97 23.97
N GLY A 146 6.04 -19.58 24.07
CA GLY A 146 5.38 -19.83 25.35
C GLY A 146 5.80 -21.15 25.97
N MET A 147 6.60 -21.93 25.24
CA MET A 147 7.27 -23.09 25.82
C MET A 147 8.61 -22.63 26.36
N VAL A 148 9.23 -21.71 25.63
CA VAL A 148 10.50 -21.09 26.01
C VAL A 148 10.38 -20.35 27.33
N GLN A 149 9.39 -19.47 27.44
CA GLN A 149 9.16 -18.71 28.66
C GLN A 149 8.73 -19.64 29.80
N GLY A 150 7.89 -20.62 29.47
CA GLY A 150 7.39 -21.57 30.45
C GLY A 150 8.47 -22.45 31.06
N LEU A 151 9.53 -22.71 30.29
CA LEU A 151 10.71 -23.36 30.83
C LEU A 151 11.32 -22.43 31.87
N LEU A 152 11.55 -21.18 31.47
CA LEU A 152 12.09 -20.16 32.37
C LEU A 152 11.06 -19.71 33.40
N SER A 156 14.24 -22.17 36.78
CA SER A 156 13.84 -20.77 36.62
C SER A 156 15.03 -19.92 36.21
N LEU A 157 15.28 -19.85 34.91
CA LEU A 157 16.57 -19.38 34.40
C LEU A 157 16.51 -18.11 33.55
N SER A 158 17.69 -17.62 33.17
CA SER A 158 17.81 -16.49 32.25
C SER A 158 17.70 -16.96 30.81
N SER A 159 17.53 -16.01 29.89
CA SER A 159 17.44 -16.31 28.47
C SER A 159 18.67 -17.07 27.98
N GLN A 160 19.80 -16.37 27.91
CA GLN A 160 21.07 -16.93 27.46
C GLN A 160 21.46 -18.21 28.21
N GLU A 161 20.94 -18.37 29.42
CA GLU A 161 21.12 -19.62 30.16
C GLU A 161 20.36 -20.76 29.48
N GLY A 162 19.03 -20.62 29.39
CA GLY A 162 18.17 -21.59 28.76
C GLY A 162 18.68 -22.08 27.40
N VAL A 163 19.34 -21.19 26.69
CA VAL A 163 20.04 -21.53 25.45
C VAL A 163 21.11 -22.60 25.69
N ALA A 164 21.96 -22.36 26.69
CA ALA A 164 23.03 -23.30 27.05
C ALA A 164 22.46 -24.69 27.27
N LEU A 165 21.32 -24.76 27.95
CA LEU A 165 20.64 -26.02 28.21
C LEU A 165 20.19 -26.69 26.90
N MET A 166 19.52 -25.93 26.04
CA MET A 166 19.04 -26.43 24.75
C MET A 166 20.18 -26.96 23.87
N CYS A 167 21.33 -26.28 23.93
CA CYS A 167 22.51 -26.72 23.20
C CYS A 167 22.99 -28.08 23.71
N LEU A 168 22.83 -28.28 25.02
CA LEU A 168 23.17 -29.55 25.67
C LEU A 168 22.13 -30.62 25.36
N ALA A 169 20.85 -30.26 25.51
CA ALA A 169 19.76 -31.18 25.21
C ALA A 169 19.81 -31.64 23.76
N GLU A 170 20.23 -30.75 22.87
CA GLU A 170 20.41 -31.09 21.46
C GLU A 170 21.53 -32.11 21.29
N ALA A 171 22.64 -31.89 22.00
CA ALA A 171 23.77 -32.82 21.94
C ALA A 171 23.39 -34.21 22.45
N LEU A 172 22.57 -34.24 23.51
CA LEU A 172 22.09 -35.49 24.07
C LEU A 172 21.16 -36.23 23.12
N LEU A 173 20.33 -35.49 22.39
CA LEU A 173 19.39 -36.09 21.44
C LEU A 173 20.09 -36.65 20.20
N ARG A 174 21.36 -36.31 20.02
CA ARG A 174 22.18 -36.86 18.94
C ARG A 174 22.88 -38.15 19.34
N ILE A 175 22.64 -38.60 20.58
CA ILE A 175 23.11 -39.90 21.01
C ILE A 175 22.12 -40.94 20.47
N PRO A 176 22.58 -41.75 19.50
CA PRO A 176 21.74 -42.64 18.68
C PRO A 176 20.92 -43.61 19.51
N ASP A 177 21.53 -44.12 20.58
CA ASP A 177 20.88 -45.12 21.41
C ASP A 177 20.47 -44.54 22.76
N LYS A 178 19.22 -44.77 23.14
CA LYS A 178 18.64 -44.14 24.31
C LYS A 178 19.23 -44.68 25.62
N ALA A 179 19.60 -45.97 25.64
CA ALA A 179 20.25 -46.55 26.80
C ALA A 179 21.52 -45.80 27.17
N THR A 180 22.32 -45.49 26.14
CA THR A 180 23.58 -44.78 26.35
C THR A 180 23.29 -43.36 26.82
N ARG A 181 22.34 -42.71 26.16
CA ARG A 181 21.96 -41.33 26.48
C ARG A 181 21.58 -41.18 27.95
N ASP A 182 20.69 -42.05 28.41
CA ASP A 182 20.22 -42.01 29.79
C ASP A 182 21.31 -42.35 30.81
N ALA A 183 22.09 -43.39 30.52
CA ALA A 183 23.19 -43.79 31.42
C ALA A 183 24.23 -42.67 31.54
N LEU A 184 24.43 -41.94 30.45
CA LEU A 184 25.36 -40.81 30.46
C LEU A 184 24.80 -39.64 31.26
N LEU A 243 34.44 3.31 1.18
CA LEU A 243 34.02 2.16 1.99
C LEU A 243 32.58 2.32 2.47
N ILE A 244 32.31 3.44 3.15
CA ILE A 244 30.97 3.73 3.67
C ILE A 244 29.93 3.69 2.55
N ARG A 245 30.28 4.24 1.40
CA ARG A 245 29.40 4.20 0.22
C ARG A 245 29.09 2.75 -0.18
N LYS A 246 30.11 1.90 -0.16
CA LYS A 246 29.95 0.51 -0.58
C LYS A 246 29.25 -0.35 0.47
N GLY A 247 29.41 0.02 1.74
CA GLY A 247 28.67 -0.65 2.81
C GLY A 247 27.18 -0.38 2.69
N VAL A 248 26.85 0.88 2.39
CA VAL A 248 25.46 1.28 2.15
C VAL A 248 24.89 0.62 0.89
N ASP A 249 25.71 0.55 -0.15
CA ASP A 249 25.26 -0.06 -1.41
C ASP A 249 24.99 -1.56 -1.24
N MET A 250 25.86 -2.25 -0.52
CA MET A 250 25.72 -3.69 -0.33
C MET A 250 24.53 -4.02 0.57
N ALA A 251 24.40 -3.27 1.65
CA ALA A 251 23.29 -3.44 2.58
C ALA A 251 21.95 -3.20 1.89
N MET A 252 21.89 -2.22 0.99
CA MET A 252 20.67 -1.92 0.25
C MET A 252 20.28 -3.09 -0.65
N ARG A 253 21.27 -3.64 -1.32
CA ARG A 253 21.05 -4.73 -2.27
C ARG A 253 20.64 -6.00 -1.53
N LEU A 254 21.30 -6.25 -0.40
CA LEU A 254 20.99 -7.42 0.41
C LEU A 254 19.60 -7.36 1.06
N MET A 255 19.23 -6.20 1.60
CA MET A 255 17.91 -6.04 2.20
C MET A 255 16.82 -5.83 1.14
N GLY A 256 17.22 -5.36 -0.04
CA GLY A 256 16.24 -4.97 -1.05
C GLY A 256 15.76 -6.11 -1.90
N GLU A 257 16.52 -7.20 -1.91
CA GLU A 257 16.25 -8.34 -2.79
C GLU A 257 14.85 -8.89 -2.59
N GLN A 258 14.44 -9.02 -1.34
CA GLN A 258 13.13 -9.60 -1.01
C GLN A 258 11.97 -8.79 -1.59
N PHE A 259 12.20 -7.50 -1.89
CA PHE A 259 11.12 -6.64 -2.38
C PHE A 259 11.05 -6.55 -3.89
N VAL A 260 12.03 -7.14 -4.56
CA VAL A 260 12.13 -7.06 -6.01
C VAL A 260 11.69 -8.35 -6.72
N THR A 261 10.80 -8.20 -7.68
CA THR A 261 10.24 -9.35 -8.40
C THR A 261 11.15 -9.87 -9.50
N GLY A 262 11.86 -8.97 -10.17
CA GLY A 262 12.83 -9.36 -11.19
C GLY A 262 13.72 -8.23 -11.65
N GLU A 263 14.89 -8.56 -12.18
CA GLU A 263 15.81 -7.55 -12.71
C GLU A 263 15.27 -6.89 -13.98
N THR A 264 14.55 -7.69 -14.79
CA THR A 264 14.01 -7.25 -16.06
C THR A 264 12.55 -7.68 -16.12
N ILE A 265 11.78 -7.05 -17.00
CA ILE A 265 10.34 -7.35 -17.07
C ILE A 265 10.09 -8.78 -17.48
N ALA A 266 10.99 -9.36 -18.28
CA ALA A 266 10.85 -10.75 -18.70
C ALA A 266 11.00 -11.71 -17.52
N GLU A 267 11.97 -11.45 -16.65
CA GLU A 267 12.17 -12.30 -15.48
C GLU A 267 11.01 -12.14 -14.51
N ALA A 268 10.59 -10.89 -14.30
CA ALA A 268 9.41 -10.61 -13.49
C ALA A 268 8.20 -11.38 -14.02
N LEU A 269 7.91 -11.21 -15.31
CA LEU A 269 6.75 -11.88 -15.91
C LEU A 269 6.82 -13.40 -15.76
N ALA A 270 8.04 -13.95 -15.68
CA ALA A 270 8.22 -15.39 -15.52
C ALA A 270 7.96 -15.85 -14.08
N ASN A 271 8.42 -15.06 -13.11
CA ASN A 271 8.24 -15.38 -11.69
C ASN A 271 6.79 -15.26 -11.20
N ALA A 272 5.86 -14.88 -12.08
CA ALA A 272 4.51 -14.55 -11.67
C ALA A 272 3.49 -15.66 -11.92
N ARG A 273 3.87 -16.65 -12.71
CA ARG A 273 2.95 -17.73 -13.06
C ARG A 273 2.46 -18.49 -11.83
N LYS A 274 3.38 -18.78 -10.93
CA LYS A 274 3.09 -19.54 -9.72
C LYS A 274 1.91 -18.98 -8.94
N LEU A 275 1.92 -17.67 -8.67
CA LEU A 275 0.82 -17.06 -7.94
C LEU A 275 -0.37 -16.73 -8.83
N GLU A 276 -0.11 -16.42 -10.10
CA GLU A 276 -1.22 -16.20 -11.05
C GLU A 276 -2.06 -17.46 -11.19
N GLU A 277 -1.43 -18.62 -11.09
CA GLU A 277 -2.18 -19.88 -11.13
C GLU A 277 -3.15 -20.00 -9.96
N LYS A 278 -2.86 -19.28 -8.88
CA LYS A 278 -3.68 -19.35 -7.68
C LYS A 278 -4.73 -18.24 -7.58
N GLY A 279 -4.81 -17.37 -8.58
CA GLY A 279 -5.77 -16.29 -8.57
C GLY A 279 -5.22 -14.93 -8.20
N PHE A 280 -3.90 -14.83 -7.99
CA PHE A 280 -3.31 -13.52 -7.73
C PHE A 280 -3.16 -12.77 -9.04
N ARG A 281 -3.08 -11.45 -8.98
CA ARG A 281 -2.81 -10.68 -10.17
C ARG A 281 -1.56 -9.85 -9.92
N TYR A 282 -1.07 -9.16 -10.96
CA TYR A 282 0.13 -8.35 -10.79
C TYR A 282 -0.01 -6.93 -11.33
N SER A 283 0.76 -6.02 -10.74
CA SER A 283 0.97 -4.69 -11.31
C SER A 283 2.48 -4.46 -11.28
N TYR A 284 3.09 -4.29 -12.45
CA TYR A 284 4.53 -4.19 -12.50
C TYR A 284 4.96 -2.75 -12.40
N ASP A 285 5.97 -2.53 -11.56
CA ASP A 285 6.53 -1.22 -11.30
C ASP A 285 7.97 -1.21 -11.75
N MET A 286 8.25 -0.54 -12.87
CA MET A 286 9.63 -0.39 -13.32
C MET A 286 10.29 0.59 -12.37
N LEU A 287 11.17 0.10 -11.51
CA LEU A 287 11.81 0.94 -10.48
C LEU A 287 12.55 2.12 -11.11
N GLY A 288 12.56 3.26 -10.41
CA GLY A 288 13.23 4.46 -10.91
C GLY A 288 12.27 5.63 -10.86
N GLU A 289 12.74 6.74 -10.28
CA GLU A 289 11.86 7.87 -10.02
C GLU A 289 12.66 9.15 -9.96
N ALA A 290 11.96 10.29 -9.85
CA ALA A 290 12.64 11.59 -9.70
C ALA A 290 13.73 11.82 -10.74
N ALA A 291 13.40 11.61 -12.01
CA ALA A 291 14.37 11.84 -13.09
C ALA A 291 14.95 13.24 -12.94
N LEU A 292 16.27 13.35 -13.05
CA LEU A 292 16.94 14.64 -12.91
C LEU A 292 17.17 15.34 -14.26
N THR A 293 17.45 14.56 -15.30
CA THR A 293 17.73 15.15 -16.61
C THR A 293 16.71 14.69 -17.66
N ALA A 294 16.71 15.38 -18.81
CA ALA A 294 15.86 15.00 -19.93
C ALA A 294 16.19 13.57 -20.35
N ALA A 295 17.48 13.26 -20.35
CA ALA A 295 17.94 11.92 -20.72
C ALA A 295 17.43 10.82 -19.79
N ASP A 296 17.48 11.06 -18.47
CA ASP A 296 16.97 10.11 -17.50
C ASP A 296 15.51 9.81 -17.77
N ALA A 297 14.73 10.87 -17.96
CA ALA A 297 13.28 10.73 -18.16
C ALA A 297 12.99 9.96 -19.44
N GLN A 298 13.80 10.21 -20.47
CA GLN A 298 13.66 9.52 -21.74
C GLN A 298 13.88 8.03 -21.55
N ALA A 299 14.94 7.66 -20.82
CA ALA A 299 15.24 6.27 -20.54
C ALA A 299 14.10 5.58 -19.77
N TYR A 300 13.52 6.30 -18.80
CA TYR A 300 12.39 5.75 -18.06
C TYR A 300 11.20 5.57 -19.00
N MET A 301 10.99 6.52 -19.90
CA MET A 301 9.91 6.42 -20.89
C MET A 301 10.06 5.15 -21.72
N VAL A 302 11.26 4.94 -22.24
CA VAL A 302 11.57 3.75 -23.05
C VAL A 302 11.37 2.48 -22.23
N SER A 303 11.79 2.49 -20.98
CA SER A 303 11.62 1.33 -20.12
C SER A 303 10.12 1.01 -19.88
N TYR A 304 9.31 2.03 -19.66
CA TYR A 304 7.87 1.83 -19.49
C TYR A 304 7.23 1.28 -20.77
N GLN A 305 7.58 1.86 -21.92
CA GLN A 305 7.02 1.44 -23.21
C GLN A 305 7.27 -0.03 -23.45
N GLN A 306 8.53 -0.42 -23.29
CA GLN A 306 8.96 -1.81 -23.43
CA GLN A 306 8.92 -1.81 -23.47
C GLN A 306 8.23 -2.73 -22.46
N ALA A 307 8.07 -2.27 -21.21
CA ALA A 307 7.35 -3.08 -20.22
C ALA A 307 5.90 -3.30 -20.62
N ILE A 308 5.26 -2.27 -21.17
CA ILE A 308 3.85 -2.41 -21.57
C ILE A 308 3.70 -3.45 -22.68
N HIS A 309 4.61 -3.43 -23.65
CA HIS A 309 4.62 -4.43 -24.72
C HIS A 309 4.74 -5.84 -24.14
N ALA A 310 5.69 -6.04 -23.24
CA ALA A 310 5.91 -7.35 -22.61
C ALA A 310 4.74 -7.80 -21.73
N ILE A 311 4.27 -6.91 -20.87
CA ILE A 311 3.13 -7.21 -20.00
C ILE A 311 1.89 -7.49 -20.84
N GLY A 312 1.67 -6.65 -21.85
CA GLY A 312 0.51 -6.76 -22.71
C GLY A 312 0.48 -8.05 -23.50
N LYS A 313 1.65 -8.49 -23.96
CA LYS A 313 1.75 -9.77 -24.65
C LYS A 313 1.50 -10.93 -23.71
N ALA A 314 2.02 -10.82 -22.50
CA ALA A 314 1.78 -11.82 -21.47
C ALA A 314 0.30 -11.89 -21.05
N SER A 315 -0.33 -10.72 -20.96
CA SER A 315 -1.74 -10.66 -20.59
C SER A 315 -2.63 -11.35 -21.64
N ASN A 316 -2.29 -11.14 -22.91
CA ASN A 316 -2.95 -11.79 -24.04
C ASN A 316 -4.48 -11.71 -24.00
N GLY A 317 -5.01 -10.52 -23.70
CA GLY A 317 -6.45 -10.30 -23.74
C GLY A 317 -7.22 -10.58 -22.46
N ARG A 318 -6.52 -10.95 -21.39
CA ARG A 318 -7.18 -11.21 -20.10
C ARG A 318 -7.92 -10.00 -19.55
N GLY A 319 -7.51 -8.80 -19.97
CA GLY A 319 -8.25 -7.60 -19.62
C GLY A 319 -7.75 -6.91 -18.37
N ILE A 320 -8.38 -5.79 -18.04
CA ILE A 320 -7.87 -4.91 -17.00
C ILE A 320 -8.08 -5.44 -15.59
N TYR A 321 -9.06 -6.34 -15.42
CA TYR A 321 -9.33 -6.87 -14.09
C TYR A 321 -8.52 -8.14 -13.78
N GLU A 322 -8.68 -9.14 -14.63
CA GLU A 322 -8.09 -10.46 -14.39
C GLU A 322 -6.64 -10.53 -14.85
N GLY A 323 -6.24 -9.62 -15.73
CA GLY A 323 -4.91 -9.62 -16.29
C GLY A 323 -3.96 -8.64 -15.59
N PRO A 324 -2.66 -8.81 -15.81
CA PRO A 324 -1.67 -7.94 -15.18
C PRO A 324 -1.79 -6.49 -15.67
N GLY A 325 -1.28 -5.55 -14.88
CA GLY A 325 -1.24 -4.16 -15.27
C GLY A 325 0.15 -3.61 -15.04
N ILE A 326 0.31 -2.30 -15.27
CA ILE A 326 1.57 -1.64 -14.97
C ILE A 326 1.29 -0.46 -14.05
N SER A 327 2.30 -0.05 -13.28
CA SER A 327 2.24 1.15 -12.44
C SER A 327 3.36 2.08 -12.85
N ILE A 328 3.04 3.36 -13.00
CA ILE A 328 4.04 4.32 -13.44
C ILE A 328 4.14 5.47 -12.43
N LYS A 329 5.29 6.13 -12.38
CA LYS A 329 5.47 7.32 -11.55
C LYS A 329 5.70 8.55 -12.43
N LEU A 330 4.89 9.56 -12.23
CA LEU A 330 5.01 10.79 -13.02
C LEU A 330 6.39 11.44 -12.87
N SER A 331 7.00 11.30 -11.69
CA SER A 331 8.32 11.90 -11.45
C SER A 331 9.40 11.29 -12.35
N ALA A 332 9.13 10.09 -12.87
CA ALA A 332 10.10 9.42 -13.74
C ALA A 332 10.04 9.94 -15.18
N LEU A 333 8.95 10.61 -15.54
CA LEU A 333 8.71 10.94 -16.95
C LEU A 333 9.02 12.40 -17.25
N HIS A 334 9.44 13.14 -16.23
CA HIS A 334 9.73 14.55 -16.42
C HIS A 334 10.90 14.99 -15.54
N PRO A 335 11.90 15.66 -16.15
CA PRO A 335 13.09 16.08 -15.41
C PRO A 335 12.69 17.02 -14.28
N ARG A 336 13.21 16.80 -13.08
CA ARG A 336 13.00 17.72 -11.96
C ARG A 336 11.51 17.99 -11.71
N TYR A 337 10.72 16.93 -11.76
CA TYR A 337 9.28 16.99 -11.53
C TYR A 337 8.95 17.70 -10.20
N SER A 338 9.77 17.46 -9.18
CA SER A 338 9.49 18.01 -7.84
C SER A 338 9.24 19.52 -7.86
N ARG A 339 9.86 20.23 -8.80
CA ARG A 339 9.65 21.67 -8.88
C ARG A 339 9.16 22.13 -10.26
N ALA A 340 8.62 21.21 -11.05
CA ALA A 340 8.17 21.56 -12.40
C ALA A 340 6.87 22.38 -12.39
N GLN A 341 6.74 23.30 -13.35
CA GLN A 341 5.57 24.17 -13.43
C GLN A 341 4.52 23.63 -14.39
N TYR A 342 3.29 24.12 -14.25
CA TYR A 342 2.13 23.61 -14.98
C TYR A 342 2.38 23.51 -16.50
N ASP A 343 2.81 24.61 -17.10
CA ASP A 343 2.91 24.69 -18.55
C ASP A 343 3.87 23.67 -19.14
N ARG A 344 5.02 23.47 -18.50
CA ARG A 344 6.03 22.55 -19.00
C ARG A 344 5.63 21.09 -18.74
N VAL A 345 4.92 20.84 -17.65
CA VAL A 345 4.39 19.51 -17.38
C VAL A 345 3.37 19.12 -18.44
N MET A 346 2.45 20.03 -18.73
CA MET A 346 1.43 19.78 -19.77
C MET A 346 2.07 19.62 -21.15
N GLU A 347 3.06 20.45 -21.45
CA GLU A 347 3.67 20.42 -22.77
C GLU A 347 4.54 19.17 -23.00
N GLU A 348 5.22 18.70 -21.95
CA GLU A 348 6.19 17.63 -22.10
C GLU A 348 5.80 16.31 -21.41
N LEU A 349 5.37 16.39 -20.15
CA LEU A 349 4.98 15.18 -19.44
C LEU A 349 3.71 14.56 -20.02
N TYR A 350 2.69 15.38 -20.24
CA TYR A 350 1.41 14.85 -20.69
C TYR A 350 1.45 13.99 -21.97
N PRO A 351 2.15 14.47 -23.04
CA PRO A 351 2.27 13.62 -24.23
C PRO A 351 2.85 12.23 -23.91
N ARG A 352 3.75 12.15 -22.94
CA ARG A 352 4.27 10.86 -22.51
C ARG A 352 3.24 9.99 -21.80
N LEU A 353 2.49 10.60 -20.89
CA LEU A 353 1.45 9.89 -20.17
C LEU A 353 0.38 9.40 -21.14
N LYS A 354 0.00 10.25 -22.07
CA LYS A 354 -0.99 9.89 -23.06
C LYS A 354 -0.52 8.71 -23.92
N SER A 355 0.73 8.79 -24.38
CA SER A 355 1.31 7.77 -25.24
C SER A 355 1.31 6.41 -24.56
N LEU A 356 1.76 6.37 -23.30
CA LEU A 356 1.79 5.11 -22.55
C LEU A 356 0.39 4.56 -22.32
N THR A 357 -0.55 5.47 -22.03
CA THR A 357 -1.90 5.06 -21.71
C THR A 357 -2.58 4.47 -22.95
N LEU A 358 -2.35 5.08 -24.10
CA LEU A 358 -2.88 4.55 -25.35
C LEU A 358 -2.31 3.17 -25.67
N LEU A 359 -1.01 2.99 -25.42
CA LEU A 359 -0.38 1.68 -25.62
C LEU A 359 -0.98 0.64 -24.66
N ALA A 360 -1.17 1.02 -23.40
CA ALA A 360 -1.83 0.14 -22.43
C ALA A 360 -3.24 -0.22 -22.90
N ARG A 361 -3.95 0.75 -23.49
CA ARG A 361 -5.28 0.46 -23.99
C ARG A 361 -5.24 -0.54 -25.15
N GLN A 362 -4.24 -0.42 -26.03
CA GLN A 362 -4.13 -1.34 -27.15
C GLN A 362 -4.01 -2.78 -26.67
N TYR A 363 -3.30 -3.00 -25.58
CA TYR A 363 -3.18 -4.35 -25.03
C TYR A 363 -4.27 -4.69 -24.03
N ASP A 364 -5.10 -3.71 -23.70
CA ASP A 364 -6.15 -3.86 -22.68
C ASP A 364 -5.60 -4.26 -21.31
N ILE A 365 -4.56 -3.58 -20.84
CA ILE A 365 -4.07 -3.79 -19.47
C ILE A 365 -4.28 -2.51 -18.64
N GLY A 366 -4.39 -2.66 -17.33
CA GLY A 366 -4.56 -1.49 -16.47
C GLY A 366 -3.29 -0.66 -16.43
N ILE A 367 -3.44 0.67 -16.40
CA ILE A 367 -2.28 1.55 -16.21
C ILE A 367 -2.55 2.49 -15.04
N ASN A 368 -1.75 2.30 -13.99
CA ASN A 368 -1.95 3.00 -12.72
C ASN A 368 -0.93 4.10 -12.49
N ILE A 369 -1.41 5.28 -12.12
CA ILE A 369 -0.54 6.40 -11.81
C ILE A 369 -0.29 6.40 -10.30
N ASP A 370 0.93 6.02 -9.88
CA ASP A 370 1.30 6.03 -8.47
C ASP A 370 1.21 7.43 -7.92
N ALA A 371 0.95 7.55 -6.61
CA ALA A 371 0.90 8.85 -5.96
C ALA A 371 2.24 9.09 -5.28
N GLU A 372 2.77 10.31 -5.38
CA GLU A 372 4.07 10.58 -4.80
C GLU A 372 3.98 11.64 -3.69
N GLU A 373 4.85 12.63 -3.69
CA GLU A 373 4.81 13.61 -2.61
C GLU A 373 3.59 14.55 -2.71
N SER A 374 3.15 15.09 -1.58
CA SER A 374 1.87 15.80 -1.50
C SER A 374 1.78 17.06 -2.36
N ASP A 375 2.91 17.74 -2.57
CA ASP A 375 2.86 18.96 -3.37
C ASP A 375 2.76 18.66 -4.89
N ARG A 376 2.69 17.39 -5.25
CA ARG A 376 2.46 17.04 -6.66
C ARG A 376 1.04 16.54 -6.90
N LEU A 377 0.24 16.47 -5.84
CA LEU A 377 -1.14 16.02 -5.97
C LEU A 377 -1.90 16.82 -7.02
N GLU A 378 -1.85 18.15 -6.88
CA GLU A 378 -2.57 19.04 -7.78
C GLU A 378 -2.25 18.83 -9.26
N ILE A 379 -0.97 18.82 -9.61
CA ILE A 379 -0.60 18.67 -11.00
C ILE A 379 -0.98 17.27 -11.51
N SER A 380 -0.96 16.29 -10.62
CA SER A 380 -1.35 14.94 -11.03
C SER A 380 -2.84 14.86 -11.35
N LEU A 381 -3.64 15.67 -10.67
CA LEU A 381 -5.07 15.73 -10.96
C LEU A 381 -5.32 16.42 -12.31
N ASP A 382 -4.58 17.47 -12.59
CA ASP A 382 -4.71 18.18 -13.86
C ASP A 382 -4.37 17.25 -15.00
N LEU A 383 -3.38 16.39 -14.79
CA LEU A 383 -2.93 15.45 -15.80
C LEU A 383 -3.96 14.34 -16.00
N LEU A 384 -4.54 13.89 -14.89
CA LEU A 384 -5.58 12.88 -14.93
C LEU A 384 -6.83 13.40 -15.63
N GLU A 385 -7.24 14.62 -15.28
CA GLU A 385 -8.40 15.28 -15.88
C GLU A 385 -8.30 15.32 -17.40
N LYS A 386 -7.15 15.73 -17.91
CA LYS A 386 -6.97 15.83 -19.36
C LYS A 386 -6.98 14.42 -19.98
N LEU A 387 -6.30 13.48 -19.34
CA LEU A 387 -6.22 12.11 -19.84
C LEU A 387 -7.60 11.49 -20.04
N CYS A 388 -8.49 11.69 -19.06
CA CYS A 388 -9.80 11.05 -19.08
C CYS A 388 -10.70 11.54 -20.20
N PHE A 389 -10.32 12.64 -20.83
CA PHE A 389 -11.11 13.17 -21.93
C PHE A 389 -10.51 12.94 -23.31
N GLU A 390 -9.47 12.11 -23.41
CA GLU A 390 -8.95 11.76 -24.74
C GLU A 390 -9.97 10.90 -25.49
N PRO A 391 -10.33 11.32 -26.71
CA PRO A 391 -11.27 10.54 -27.53
C PRO A 391 -10.80 9.10 -27.71
N GLU A 392 -9.49 8.89 -27.85
CA GLU A 392 -8.94 7.56 -28.08
C GLU A 392 -9.11 6.66 -26.86
N LEU A 393 -9.41 7.25 -25.71
CA LEU A 393 -9.60 6.49 -24.49
C LEU A 393 -11.07 6.38 -24.08
N ALA A 394 -11.97 6.88 -24.92
CA ALA A 394 -13.40 6.86 -24.60
C ALA A 394 -13.91 5.42 -24.52
N GLY A 395 -14.69 5.11 -23.49
CA GLY A 395 -15.27 3.79 -23.37
C GLY A 395 -14.33 2.77 -22.76
N TRP A 396 -13.11 3.20 -22.44
CA TRP A 396 -12.12 2.31 -21.83
C TRP A 396 -11.86 2.67 -20.38
N ASN A 397 -11.90 1.66 -19.51
CA ASN A 397 -11.87 1.86 -18.05
C ASN A 397 -10.60 1.37 -17.38
N GLY A 398 -9.50 1.33 -18.14
CA GLY A 398 -8.23 0.86 -17.60
C GLY A 398 -7.31 1.91 -16.98
N ILE A 399 -7.74 3.17 -16.95
CA ILE A 399 -6.96 4.21 -16.28
C ILE A 399 -7.06 4.02 -14.76
N GLY A 400 -5.91 3.95 -14.09
CA GLY A 400 -5.88 3.79 -12.65
C GLY A 400 -5.18 4.96 -11.98
N PHE A 401 -5.54 5.20 -10.73
CA PHE A 401 -5.00 6.36 -10.02
C PHE A 401 -4.96 6.05 -8.53
N VAL A 402 -3.84 6.38 -7.89
CA VAL A 402 -3.67 6.14 -6.46
C VAL A 402 -4.12 7.37 -5.66
N ILE A 403 -4.80 7.14 -4.54
CA ILE A 403 -5.03 8.23 -3.59
C ILE A 403 -4.54 7.81 -2.21
N GLN A 404 -3.95 8.77 -1.48
CA GLN A 404 -3.28 8.47 -0.21
C GLN A 404 -4.12 8.89 0.97
N ALA A 405 -4.61 7.91 1.74
CA ALA A 405 -5.47 8.21 2.89
C ALA A 405 -4.77 8.97 4.01
N TYR A 406 -3.45 9.01 4.04
CA TYR A 406 -2.78 9.79 5.09
C TYR A 406 -2.88 11.29 4.86
N GLN A 407 -3.35 11.69 3.69
CA GLN A 407 -3.58 13.11 3.44
C GLN A 407 -4.96 13.61 3.88
N LYS A 408 -5.01 14.81 4.44
CA LYS A 408 -6.28 15.46 4.76
C LYS A 408 -7.18 15.64 3.55
N ARG A 409 -6.56 15.81 2.37
CA ARG A 409 -7.31 16.01 1.14
C ARG A 409 -8.03 14.78 0.61
N CYS A 410 -7.70 13.59 1.13
CA CYS A 410 -8.17 12.35 0.48
C CYS A 410 -9.69 12.27 0.20
N PRO A 411 -10.55 12.56 1.21
CA PRO A 411 -11.98 12.41 0.89
C PRO A 411 -12.44 13.40 -0.15
N LEU A 412 -11.84 14.59 -0.16
CA LEU A 412 -12.19 15.61 -1.14
C LEU A 412 -11.72 15.20 -2.54
N VAL A 413 -10.60 14.48 -2.60
CA VAL A 413 -10.10 13.97 -3.88
C VAL A 413 -11.09 12.94 -4.41
N ILE A 414 -11.63 12.12 -3.51
CA ILE A 414 -12.63 11.13 -3.92
C ILE A 414 -13.88 11.80 -4.52
N ASP A 415 -14.34 12.87 -3.89
CA ASP A 415 -15.50 13.57 -4.42
C ASP A 415 -15.16 14.06 -5.83
N TYR A 416 -13.94 14.55 -6.02
CA TYR A 416 -13.52 15.01 -7.34
C TYR A 416 -13.49 13.84 -8.33
N LEU A 417 -12.96 12.71 -7.90
CA LEU A 417 -12.83 11.55 -8.78
C LEU A 417 -14.20 11.01 -9.22
N ILE A 418 -15.13 10.94 -8.28
CA ILE A 418 -16.50 10.53 -8.57
C ILE A 418 -17.12 11.41 -9.65
N ASP A 419 -16.94 12.71 -9.53
CA ASP A 419 -17.46 13.65 -10.52
C ASP A 419 -16.75 13.49 -11.86
N LEU A 420 -15.44 13.24 -11.82
CA LEU A 420 -14.66 13.07 -13.05
C LEU A 420 -15.07 11.80 -13.80
N ALA A 421 -15.27 10.71 -13.07
CA ALA A 421 -15.72 9.46 -13.69
C ALA A 421 -17.07 9.69 -14.36
N THR A 422 -17.97 10.38 -13.65
CA THR A 422 -19.24 10.79 -14.23
C THR A 422 -19.10 11.65 -15.49
N ARG A 423 -18.39 12.77 -15.39
CA ARG A 423 -18.23 13.66 -16.55
C ARG A 423 -17.50 13.01 -17.71
N SER A 424 -16.53 12.15 -17.43
CA SER A 424 -15.76 11.56 -18.53
C SER A 424 -16.31 10.20 -18.95
N ARG A 425 -17.39 9.79 -18.29
CA ARG A 425 -18.14 8.57 -18.66
C ARG A 425 -17.28 7.30 -18.63
N ARG A 426 -16.72 6.99 -17.47
CA ARG A 426 -15.85 5.83 -17.33
CA ARG A 426 -15.90 5.79 -17.33
C ARG A 426 -15.90 5.32 -15.89
N ARG A 427 -15.38 4.12 -15.68
CA ARG A 427 -15.16 3.62 -14.34
C ARG A 427 -13.68 3.75 -14.10
N LEU A 428 -13.30 4.43 -13.01
CA LEU A 428 -11.87 4.61 -12.72
C LEU A 428 -11.37 3.47 -11.82
N MET A 429 -10.15 3.01 -12.05
CA MET A 429 -9.55 2.03 -11.15
C MET A 429 -8.84 2.85 -10.08
N ILE A 430 -9.32 2.80 -8.85
CA ILE A 430 -8.73 3.67 -7.83
C ILE A 430 -8.04 2.84 -6.75
N ARG A 431 -6.72 3.02 -6.62
CA ARG A 431 -5.98 2.32 -5.55
C ARG A 431 -5.97 3.19 -4.29
N LEU A 432 -6.61 2.71 -3.23
CA LEU A 432 -6.61 3.40 -1.95
C LEU A 432 -5.45 2.83 -1.12
N VAL A 433 -4.52 3.71 -0.76
CA VAL A 433 -3.37 3.35 0.05
C VAL A 433 -3.34 4.27 1.25
N LYS A 434 -2.52 3.94 2.25
CA LYS A 434 -2.33 4.91 3.32
C LYS A 434 -1.31 5.95 2.90
N GLY A 435 -0.08 5.52 2.63
CA GLY A 435 0.90 6.42 2.05
C GLY A 435 2.32 6.02 2.38
N ALA A 436 3.23 6.22 1.42
CA ALA A 436 4.61 5.73 1.57
C ALA A 436 5.65 6.77 1.99
N TYR A 437 5.27 8.04 2.05
CA TYR A 437 6.24 9.13 2.21
C TYR A 437 6.09 9.89 3.51
N TRP A 438 5.45 9.29 4.52
CA TRP A 438 5.09 10.01 5.74
C TRP A 438 6.25 10.74 6.41
N ASP A 439 7.38 10.05 6.56
CA ASP A 439 8.52 10.67 7.25
C ASP A 439 9.00 11.94 6.55
N SER A 440 9.04 11.89 5.22
CA SER A 440 9.51 13.03 4.43
C SER A 440 8.47 14.15 4.43
N GLU A 441 7.19 13.78 4.43
CA GLU A 441 6.12 14.77 4.49
C GLU A 441 6.20 15.62 5.76
N ILE A 442 6.40 14.95 6.89
CA ILE A 442 6.55 15.63 8.16
C ILE A 442 7.76 16.55 8.13
N LYS A 443 8.91 16.01 7.72
CA LYS A 443 10.16 16.79 7.69
C LYS A 443 10.02 18.01 6.79
N ARG A 444 9.38 17.83 5.63
CA ARG A 444 9.20 18.94 4.68
C ARG A 444 8.35 20.05 5.27
N ALA A 445 7.26 19.68 5.92
CA ALA A 445 6.36 20.67 6.50
C ALA A 445 7.05 21.46 7.62
N GLN A 446 7.88 20.77 8.39
CA GLN A 446 8.60 21.42 9.48
C GLN A 446 9.68 22.39 8.99
N MET A 447 10.28 22.09 7.84
CA MET A 447 11.30 22.97 7.27
C MET A 447 10.65 24.17 6.59
N ASP A 448 9.46 23.96 6.03
CA ASP A 448 8.77 25.03 5.31
C ASP A 448 7.96 25.95 6.22
N GLY A 449 7.83 25.56 7.50
CA GLY A 449 7.18 26.39 8.50
C GLY A 449 5.81 26.95 8.15
N LEU A 450 4.93 26.13 7.57
CA LEU A 450 3.57 26.57 7.26
C LEU A 450 2.59 26.20 8.39
N GLU A 451 1.33 26.59 8.22
CA GLU A 451 0.35 26.52 9.31
C GLU A 451 -0.03 25.11 9.79
N GLY A 452 0.30 24.09 8.99
CA GLY A 452 -0.06 22.73 9.35
C GLY A 452 0.56 21.68 8.47
N TYR A 453 0.21 20.42 8.72
CA TYR A 453 0.72 19.31 7.93
C TYR A 453 -0.32 18.90 6.90
N PRO A 454 0.12 18.45 5.72
CA PRO A 454 -0.83 17.94 4.72
C PRO A 454 -1.19 16.48 4.99
N VAL A 455 -0.51 15.85 5.96
CA VAL A 455 -0.83 14.50 6.41
C VAL A 455 -1.17 14.44 7.91
N TYR A 456 -1.83 13.37 8.34
CA TYR A 456 -2.07 13.17 9.77
C TYR A 456 -0.76 12.92 10.50
N THR A 457 -0.74 13.19 11.80
CA THR A 457 0.46 13.00 12.61
C THR A 457 0.37 11.79 13.56
N ARG A 458 -0.81 11.22 13.70
CA ARG A 458 -0.99 9.96 14.43
C ARG A 458 -1.42 8.86 13.48
N LYS A 459 -0.78 7.69 13.63
CA LYS A 459 -1.03 6.61 12.67
C LYS A 459 -2.49 6.16 12.69
N VAL A 460 -3.08 6.13 13.88
CA VAL A 460 -4.48 5.72 14.01
C VAL A 460 -5.43 6.63 13.20
N TYR A 461 -5.06 7.89 13.00
CA TYR A 461 -5.92 8.80 12.26
C TYR A 461 -5.92 8.43 10.79
N THR A 462 -4.75 8.11 10.27
CA THR A 462 -4.64 7.60 8.90
C THR A 462 -5.51 6.36 8.73
N ASP A 463 -5.49 5.45 9.71
CA ASP A 463 -6.34 4.26 9.64
C ASP A 463 -7.81 4.66 9.55
N VAL A 464 -8.22 5.62 10.36
CA VAL A 464 -9.61 6.07 10.36
C VAL A 464 -9.93 6.68 9.00
N SER A 465 -9.00 7.46 8.45
CA SER A 465 -9.18 8.07 7.14
C SER A 465 -9.37 7.02 6.05
N TYR A 466 -8.55 5.97 6.09
CA TYR A 466 -8.65 4.87 5.14
C TYR A 466 -10.05 4.23 5.16
N LEU A 467 -10.60 3.99 6.34
CA LEU A 467 -11.91 3.34 6.45
C LEU A 467 -13.05 4.22 5.93
N ALA A 468 -13.00 5.51 6.26
CA ALA A 468 -13.98 6.45 5.75
C ALA A 468 -13.90 6.52 4.23
N CYS A 469 -12.69 6.62 3.70
CA CYS A 469 -12.51 6.74 2.25
C CYS A 469 -12.95 5.45 1.57
N ALA A 470 -12.69 4.32 2.20
CA ALA A 470 -13.10 3.02 1.65
C ALA A 470 -14.60 2.96 1.46
N LYS A 471 -15.35 3.46 2.45
CA LYS A 471 -16.81 3.45 2.34
C LYS A 471 -17.27 4.31 1.19
N LYS A 472 -16.65 5.49 1.03
CA LYS A 472 -16.98 6.40 -0.07
C LYS A 472 -16.77 5.73 -1.42
N LEU A 473 -15.67 4.99 -1.55
CA LEU A 473 -15.36 4.34 -2.82
C LEU A 473 -16.33 3.20 -3.09
N LEU A 474 -16.63 2.42 -2.06
CA LEU A 474 -17.50 1.26 -2.23
C LEU A 474 -18.94 1.64 -2.53
N ALA A 475 -19.31 2.89 -2.26
CA ALA A 475 -20.69 3.32 -2.48
C ALA A 475 -21.01 3.61 -3.96
N VAL A 476 -19.98 3.70 -4.80
CA VAL A 476 -20.18 4.04 -6.22
C VAL A 476 -19.54 3.05 -7.21
N PRO A 477 -20.01 1.79 -7.21
CA PRO A 477 -19.34 0.76 -8.01
C PRO A 477 -19.51 0.99 -9.51
N ASN A 478 -20.48 1.80 -9.92
CA ASN A 478 -20.58 2.16 -11.33
C ASN A 478 -19.47 3.12 -11.79
N LEU A 479 -18.85 3.80 -10.84
CA LEU A 479 -17.91 4.88 -11.18
C LEU A 479 -16.48 4.54 -10.81
N ILE A 480 -16.32 3.61 -9.89
CA ILE A 480 -15.01 3.32 -9.33
C ILE A 480 -14.82 1.82 -9.07
N TYR A 481 -13.68 1.28 -9.50
CA TYR A 481 -13.27 -0.05 -9.09
C TYR A 481 -12.21 0.12 -8.02
N PRO A 482 -12.57 -0.09 -6.75
CA PRO A 482 -11.60 0.21 -5.69
C PRO A 482 -10.60 -0.91 -5.55
N GLN A 483 -9.34 -0.55 -5.32
CA GLN A 483 -8.28 -1.52 -5.15
C GLN A 483 -7.65 -1.19 -3.80
N PHE A 484 -7.87 -2.08 -2.86
CA PHE A 484 -7.59 -1.80 -1.46
C PHE A 484 -6.23 -2.35 -1.08
N ALA A 485 -5.25 -1.45 -1.08
CA ALA A 485 -3.87 -1.81 -0.82
C ALA A 485 -3.60 -1.75 0.66
N THR A 486 -3.22 -2.88 1.24
CA THR A 486 -2.90 -2.94 2.68
C THR A 486 -2.31 -4.28 3.08
N HIS A 487 -1.43 -4.27 4.08
CA HIS A 487 -0.92 -5.52 4.66
C HIS A 487 -1.48 -5.67 6.06
N ASN A 488 -2.44 -4.80 6.41
CA ASN A 488 -3.00 -4.74 7.77
C ASN A 488 -4.23 -5.61 7.85
N ALA A 489 -4.19 -6.61 8.73
CA ALA A 489 -5.27 -7.58 8.88
C ALA A 489 -6.61 -6.95 9.29
N HIS A 490 -6.57 -5.95 10.17
CA HIS A 490 -7.84 -5.30 10.52
C HIS A 490 -8.40 -4.55 9.32
N THR A 491 -7.55 -3.79 8.65
CA THR A 491 -7.97 -3.00 7.50
C THR A 491 -8.63 -3.88 6.43
N LEU A 492 -7.97 -5.00 6.13
CA LEU A 492 -8.47 -5.95 5.15
C LEU A 492 -9.83 -6.48 5.59
N ALA A 493 -9.92 -6.94 6.84
CA ALA A 493 -11.15 -7.52 7.37
C ALA A 493 -12.28 -6.49 7.36
N ALA A 494 -11.94 -5.25 7.70
CA ALA A 494 -12.94 -4.18 7.70
C ALA A 494 -13.48 -3.93 6.29
N ILE A 495 -12.59 -3.81 5.32
CA ILE A 495 -12.99 -3.63 3.91
C ILE A 495 -13.86 -4.81 3.45
N TYR A 496 -13.45 -6.03 3.82
CA TYR A 496 -14.17 -7.23 3.45
C TYR A 496 -15.61 -7.15 3.94
N GLN A 497 -15.79 -6.67 5.18
CA GLN A 497 -17.13 -6.52 5.74
C GLN A 497 -17.87 -5.35 5.13
N LEU A 498 -17.18 -4.21 5.02
CA LEU A 498 -17.79 -2.99 4.50
C LEU A 498 -18.29 -3.17 3.07
N ALA A 499 -17.65 -4.06 2.31
CA ALA A 499 -18.04 -4.29 0.92
C ALA A 499 -19.35 -5.05 0.82
N GLY A 500 -19.79 -5.64 1.93
CA GLY A 500 -21.14 -6.17 2.00
C GLY A 500 -21.32 -7.56 1.43
N GLN A 501 -22.56 -8.03 1.46
CA GLN A 501 -22.89 -9.34 0.96
C GLN A 501 -22.85 -9.32 -0.57
N ASN A 502 -22.77 -10.50 -1.15
CA ASN A 502 -22.89 -10.66 -2.60
C ASN A 502 -21.72 -10.06 -3.35
N TYR A 503 -20.52 -10.50 -2.97
CA TYR A 503 -19.33 -10.11 -3.71
C TYR A 503 -19.45 -10.63 -5.15
N TYR A 504 -18.93 -9.85 -6.11
CA TYR A 504 -18.69 -10.29 -7.49
C TYR A 504 -17.28 -9.80 -7.86
N PRO A 505 -16.55 -10.56 -8.68
CA PRO A 505 -15.13 -10.27 -8.93
C PRO A 505 -14.78 -8.81 -9.30
N GLY A 506 -15.59 -8.21 -10.16
CA GLY A 506 -15.39 -6.81 -10.53
C GLY A 506 -15.88 -5.78 -9.52
N GLN A 507 -16.26 -6.20 -8.32
CA GLN A 507 -16.63 -5.23 -7.29
C GLN A 507 -15.43 -4.45 -6.76
N TYR A 508 -14.40 -5.19 -6.35
CA TYR A 508 -13.17 -4.57 -5.86
C TYR A 508 -12.08 -5.65 -5.82
N GLU A 509 -10.85 -5.24 -5.53
CA GLU A 509 -9.78 -6.19 -5.28
C GLU A 509 -8.91 -5.67 -4.14
N PHE A 510 -8.16 -6.56 -3.50
CA PHE A 510 -7.10 -6.13 -2.59
C PHE A 510 -5.80 -5.99 -3.37
N GLN A 511 -4.82 -5.31 -2.78
CA GLN A 511 -3.48 -5.22 -3.36
C GLN A 511 -2.40 -5.31 -2.27
N CYS A 512 -1.21 -5.76 -2.63
CA CYS A 512 -0.13 -5.83 -1.66
C CYS A 512 1.20 -5.65 -2.34
N LEU A 513 2.24 -5.34 -1.55
CA LEU A 513 3.58 -5.21 -2.09
C LEU A 513 4.27 -6.56 -2.08
N HIS A 514 4.99 -6.87 -3.15
CA HIS A 514 5.78 -8.08 -3.18
C HIS A 514 6.79 -8.10 -2.03
N GLY A 515 6.90 -9.25 -1.36
CA GLY A 515 7.84 -9.41 -0.25
C GLY A 515 7.24 -9.04 1.09
N MET A 516 6.04 -8.46 1.07
CA MET A 516 5.33 -8.10 2.29
C MET A 516 3.97 -8.77 2.47
N GLY A 517 3.17 -8.84 1.41
CA GLY A 517 1.79 -9.23 1.57
C GLY A 517 1.40 -10.66 1.26
N GLU A 518 2.27 -11.39 0.57
CA GLU A 518 1.92 -12.74 0.17
C GLU A 518 1.43 -13.65 1.32
N PRO A 519 2.13 -13.62 2.48
CA PRO A 519 1.66 -14.54 3.53
C PRO A 519 0.26 -14.23 4.00
N LEU A 520 -0.05 -12.97 4.26
CA LEU A 520 -1.43 -12.60 4.60
C LEU A 520 -2.41 -12.98 3.49
N TYR A 521 -2.08 -12.61 2.26
CA TYR A 521 -3.02 -12.82 1.16
C TYR A 521 -3.17 -14.26 0.73
N GLU A 522 -2.25 -15.11 1.16
CA GLU A 522 -2.43 -16.54 0.97
C GLU A 522 -3.60 -17.11 1.79
N GLN A 523 -4.15 -16.32 2.71
CA GLN A 523 -5.37 -16.73 3.41
C GLN A 523 -6.59 -16.15 2.71
N VAL A 524 -6.36 -15.30 1.73
CA VAL A 524 -7.41 -14.45 1.18
C VAL A 524 -7.76 -14.81 -0.26
N THR A 525 -6.76 -14.80 -1.12
CA THR A 525 -6.93 -15.17 -2.52
C THR A 525 -6.90 -16.71 -2.62
N GLY A 526 -7.89 -17.28 -3.33
CA GLY A 526 -8.02 -18.71 -3.42
C GLY A 526 -9.45 -19.18 -3.13
N LYS A 527 -9.67 -20.48 -3.14
CA LYS A 527 -11.01 -21.03 -3.00
C LYS A 527 -11.47 -21.22 -1.55
N VAL A 528 -12.76 -20.97 -1.34
CA VAL A 528 -13.40 -21.18 -0.04
C VAL A 528 -13.17 -22.61 0.47
N ALA A 529 -13.19 -23.56 -0.45
CA ALA A 529 -12.96 -24.96 -0.12
C ALA A 529 -11.57 -25.17 0.52
N ASP A 530 -10.62 -24.33 0.13
CA ASP A 530 -9.26 -24.42 0.66
C ASP A 530 -9.08 -23.53 1.88
N GLY A 531 -10.20 -23.05 2.43
CA GLY A 531 -10.15 -22.21 3.62
C GLY A 531 -9.77 -20.77 3.35
N LYS A 532 -9.88 -20.32 2.09
CA LYS A 532 -9.55 -18.93 1.77
C LYS A 532 -10.83 -18.09 1.66
N LEU A 533 -10.67 -16.77 1.55
CA LEU A 533 -11.80 -15.85 1.42
C LEU A 533 -12.33 -15.66 -0.02
N ASN A 534 -11.60 -16.17 -1.01
CA ASN A 534 -12.01 -15.99 -2.40
C ASN A 534 -12.16 -14.52 -2.77
N ARG A 535 -11.16 -13.72 -2.42
CA ARG A 535 -11.06 -12.33 -2.87
C ARG A 535 -9.72 -12.16 -3.55
N PRO A 536 -9.70 -11.57 -4.76
CA PRO A 536 -8.45 -11.43 -5.52
C PRO A 536 -7.53 -10.38 -4.92
N CYS A 537 -6.23 -10.61 -5.07
CA CYS A 537 -5.22 -9.66 -4.63
C CYS A 537 -4.24 -9.39 -5.76
N ARG A 538 -3.96 -8.11 -6.02
CA ARG A 538 -3.00 -7.76 -7.06
C ARG A 538 -1.67 -7.38 -6.40
N ILE A 539 -0.62 -8.09 -6.78
CA ILE A 539 0.69 -7.90 -6.19
C ILE A 539 1.49 -6.85 -6.94
N TYR A 540 1.94 -5.83 -6.21
CA TYR A 540 2.76 -4.77 -6.78
C TYR A 540 4.19 -5.30 -6.89
N ALA A 541 4.70 -5.35 -8.11
CA ALA A 541 5.95 -6.06 -8.41
C ALA A 541 7.04 -5.15 -8.97
N PRO A 542 7.97 -4.72 -8.11
CA PRO A 542 9.06 -3.85 -8.57
C PRO A 542 9.98 -4.62 -9.49
N VAL A 543 10.41 -3.97 -10.57
CA VAL A 543 11.28 -4.60 -11.56
C VAL A 543 12.47 -3.70 -11.82
N GLY A 544 13.68 -4.24 -11.68
CA GLY A 544 14.87 -3.47 -12.00
C GLY A 544 16.14 -3.94 -11.32
N THR A 545 17.26 -3.33 -11.71
CA THR A 545 18.56 -3.65 -11.13
C THR A 545 18.83 -2.82 -9.87
N HIS A 546 20.00 -3.01 -9.29
CA HIS A 546 20.39 -2.30 -8.09
C HIS A 546 20.44 -0.80 -8.29
N GLU A 547 20.78 -0.34 -9.49
CA GLU A 547 20.88 1.09 -9.76
C GLU A 547 19.56 1.86 -9.66
N THR A 548 18.45 1.14 -9.52
CA THR A 548 17.13 1.74 -9.54
C THR A 548 16.38 1.51 -8.23
N LEU A 549 17.06 0.93 -7.24
CA LEU A 549 16.39 0.38 -6.06
C LEU A 549 16.35 1.27 -4.80
N LEU A 550 17.30 2.20 -4.68
CA LEU A 550 17.54 2.90 -3.41
C LEU A 550 16.31 3.54 -2.77
N ALA A 551 15.63 4.41 -3.50
CA ALA A 551 14.51 5.14 -2.88
C ALA A 551 13.37 4.22 -2.45
N TYR A 552 13.03 3.25 -3.29
CA TYR A 552 12.00 2.28 -2.96
C TYR A 552 12.37 1.52 -1.67
N LEU A 553 13.60 1.01 -1.62
CA LEU A 553 14.08 0.26 -0.46
C LEU A 553 13.98 1.07 0.83
N VAL A 554 14.46 2.32 0.79
CA VAL A 554 14.37 3.19 1.95
C VAL A 554 12.93 3.29 2.45
N ARG A 555 11.97 3.53 1.55
CA ARG A 555 10.56 3.57 1.96
C ARG A 555 10.10 2.25 2.59
N ARG A 556 10.62 1.12 2.07
CA ARG A 556 10.26 -0.17 2.65
C ARG A 556 10.89 -0.35 4.03
N LEU A 557 12.08 0.18 4.21
CA LEU A 557 12.73 0.10 5.53
C LEU A 557 11.93 0.91 6.56
N LEU A 558 11.46 2.08 6.15
CA LEU A 558 10.66 2.94 7.03
C LEU A 558 9.33 2.27 7.39
N GLU A 559 8.71 1.66 6.39
CA GLU A 559 7.44 0.97 6.57
C GLU A 559 7.59 -0.24 7.49
N ASN A 560 8.59 -1.08 7.23
CA ASN A 560 8.80 -2.28 8.03
C ASN A 560 9.36 -2.02 9.43
N GLY A 561 10.15 -0.96 9.57
CA GLY A 561 10.82 -0.66 10.82
C GLY A 561 10.05 0.21 11.81
N ALA A 562 8.94 0.80 11.39
CA ALA A 562 8.22 1.72 12.28
C ALA A 562 7.40 0.96 13.32
N ASN A 563 7.53 1.35 14.59
CA ASN A 563 6.82 0.64 15.66
C ASN A 563 5.30 0.75 15.52
N THR A 564 4.83 1.72 14.74
CA THR A 564 3.40 1.88 14.47
C THR A 564 2.87 0.98 13.35
N SER A 565 3.77 0.44 12.54
CA SER A 565 3.34 -0.39 11.41
C SER A 565 2.76 -1.75 11.84
N PHE A 566 1.66 -2.14 11.21
CA PHE A 566 1.11 -3.46 11.45
C PHE A 566 2.14 -4.58 11.24
N VAL A 567 2.89 -4.51 10.15
CA VAL A 567 3.84 -5.59 9.85
C VAL A 567 4.93 -5.71 10.91
N ASN A 568 5.23 -4.61 11.58
CA ASN A 568 6.23 -4.59 12.63
C ASN A 568 5.62 -5.15 13.92
N ARG A 569 4.40 -4.73 14.21
CA ARG A 569 3.71 -5.15 15.42
C ARG A 569 3.32 -6.64 15.45
N ILE A 570 2.91 -7.19 14.31
CA ILE A 570 2.51 -8.59 14.28
C ILE A 570 3.70 -9.50 14.56
N ALA A 571 4.90 -9.00 14.28
CA ALA A 571 6.14 -9.76 14.51
C ALA A 571 6.57 -9.69 15.96
N ASP A 572 5.78 -9.02 16.78
CA ASP A 572 6.02 -8.95 18.22
C ASP A 572 5.07 -9.91 18.94
N THR A 573 5.56 -11.11 19.28
CA THR A 573 4.72 -12.13 19.93
C THR A 573 4.23 -11.70 21.31
N SER A 574 4.87 -10.66 21.87
CA SER A 574 4.43 -10.07 23.13
C SER A 574 3.14 -9.26 22.99
N LEU A 575 2.99 -8.55 21.88
CA LEU A 575 1.81 -7.72 21.63
C LEU A 575 0.56 -8.53 21.32
N PRO A 576 -0.43 -8.51 22.24
CA PRO A 576 -1.63 -9.34 22.13
C PRO A 576 -2.41 -9.07 20.83
N LEU A 577 -3.05 -10.11 20.31
CA LEU A 577 -3.71 -10.00 19.02
C LEU A 577 -4.82 -8.95 19.05
N ASP A 578 -5.52 -8.88 20.18
CA ASP A 578 -6.61 -7.92 20.35
C ASP A 578 -6.14 -6.46 20.21
N GLU A 579 -4.95 -6.13 20.71
CA GLU A 579 -4.39 -4.80 20.52
C GLU A 579 -3.93 -4.60 19.08
N LEU A 580 -3.33 -5.65 18.51
CA LEU A 580 -2.86 -5.59 17.13
C LEU A 580 -3.96 -5.26 16.14
N VAL A 581 -5.14 -5.85 16.31
CA VAL A 581 -6.23 -5.64 15.38
C VAL A 581 -7.32 -4.73 15.96
N ALA A 582 -6.94 -3.91 16.93
CA ALA A 582 -7.89 -3.02 17.57
C ALA A 582 -8.52 -2.05 16.55
N ASP A 583 -9.83 -1.83 16.69
CA ASP A 583 -10.61 -0.92 15.83
C ASP A 583 -10.09 0.51 15.98
N PRO A 584 -9.64 1.13 14.88
CA PRO A 584 -9.04 2.47 14.92
C PRO A 584 -10.02 3.57 15.33
N VAL A 585 -11.30 3.43 14.99
CA VAL A 585 -12.30 4.39 15.44
C VAL A 585 -12.41 4.40 16.96
N THR A 586 -12.52 3.20 17.54
CA THR A 586 -12.58 3.05 18.99
C THR A 586 -11.31 3.57 19.66
N ALA A 587 -10.17 3.37 19.00
CA ALA A 587 -8.89 3.85 19.51
C ALA A 587 -8.84 5.38 19.54
N VAL A 588 -9.36 6.00 18.49
CA VAL A 588 -9.46 7.46 18.45
C VAL A 588 -10.37 8.01 19.54
N GLU A 589 -11.50 7.37 19.76
CA GLU A 589 -12.41 7.81 20.83
C GLU A 589 -11.79 7.63 22.23
N LYS A 590 -10.97 6.59 22.38
CA LYS A 590 -10.22 6.39 23.62
C LYS A 590 -9.29 7.57 23.91
N LEU A 591 -8.51 7.95 22.89
CA LEU A 591 -7.62 9.11 22.98
C LEU A 591 -8.39 10.37 23.33
N ALA A 592 -9.53 10.57 22.69
CA ALA A 592 -10.36 11.74 22.91
C ALA A 592 -10.81 11.85 24.36
N GLN A 593 -11.26 10.72 24.92
CA GLN A 593 -11.71 10.68 26.31
C GLN A 593 -10.54 10.93 27.27
N GLN A 594 -9.36 10.45 26.91
CA GLN A 594 -8.19 10.66 27.77
C GLN A 594 -7.66 12.09 27.65
N GLU A 595 -7.72 12.65 26.43
CA GLU A 595 -6.98 13.88 26.15
C GLU A 595 -7.78 15.17 26.29
N GLY A 596 -9.09 15.08 26.15
CA GLY A 596 -9.93 16.26 26.35
C GLY A 596 -10.63 16.69 25.09
N GLN A 597 -10.20 16.16 23.95
CA GLN A 597 -10.86 16.42 22.66
C GLN A 597 -10.41 15.48 21.54
N THR A 598 -11.23 15.41 20.49
CA THR A 598 -10.99 14.46 19.42
C THR A 598 -9.93 14.96 18.42
N GLY A 599 -9.01 14.07 18.04
CA GLY A 599 -8.13 14.33 16.92
C GLY A 599 -6.98 15.29 17.21
N LEU A 600 -6.53 15.34 18.46
CA LEU A 600 -5.33 16.12 18.77
C LEU A 600 -4.13 15.56 17.99
N PRO A 601 -3.21 16.44 17.59
CA PRO A 601 -2.00 16.02 16.87
C PRO A 601 -1.11 15.16 17.76
N HIS A 602 -0.18 14.42 17.16
CA HIS A 602 0.79 13.63 17.91
C HIS A 602 1.49 14.55 18.89
N PRO A 603 1.60 14.11 20.16
CA PRO A 603 2.19 14.97 21.19
C PRO A 603 3.61 15.38 20.84
N LYS A 604 4.33 14.52 20.14
CA LYS A 604 5.72 14.79 19.80
C LYS A 604 5.88 15.54 18.48
N ILE A 605 4.76 15.77 17.78
CA ILE A 605 4.81 16.50 16.52
C ILE A 605 4.02 17.80 16.58
N PRO A 606 4.67 18.86 17.09
CA PRO A 606 4.05 20.19 17.15
C PRO A 606 3.84 20.74 15.76
N LEU A 607 2.99 21.76 15.64
CA LEU A 607 2.85 22.48 14.37
C LEU A 607 4.21 23.04 13.97
N PRO A 608 4.50 23.09 12.66
CA PRO A 608 5.78 23.62 12.15
C PRO A 608 6.15 24.96 12.78
N ARG A 609 5.16 25.81 13.02
CA ARG A 609 5.43 27.14 13.58
C ARG A 609 5.64 27.15 15.11
N ASP A 610 5.53 25.98 15.73
CA ASP A 610 5.67 25.87 17.19
C ASP A 610 6.94 25.12 17.59
PA FAD B . -0.19 -0.03 8.40
O1A FAD B . 0.90 -0.54 9.39
O2A FAD B . -1.60 -0.24 8.70
O5B FAD B . -0.19 1.44 8.08
C5B FAD B . 1.08 2.10 7.98
C4B FAD B . 0.94 3.50 7.37
O4B FAD B . 0.43 4.44 8.27
C3B FAD B . 2.22 4.12 6.88
O3B FAD B . 2.65 3.62 5.66
C2B FAD B . 1.81 5.54 6.76
O2B FAD B . 1.04 5.76 5.65
C1B FAD B . 0.90 5.72 7.93
N9A FAD B . 1.48 6.32 9.11
C8A FAD B . 2.55 5.82 9.83
N7A FAD B . 2.78 6.63 10.88
C5A FAD B . 1.86 7.66 10.89
C6A FAD B . 1.64 8.76 11.72
N6A FAD B . 2.48 8.98 12.88
N1A FAD B . 0.64 9.62 11.42
C2A FAD B . -0.18 9.44 10.34
N3A FAD B . 0.02 8.37 9.51
C4A FAD B . 1.02 7.49 9.76
N1 FAD B . 1.84 4.88 -1.08
C2 FAD B . 2.00 6.09 -1.82
O2 FAD B . 2.24 7.20 -1.11
N3 FAD B . 1.89 6.12 -3.21
C4 FAD B . 1.66 4.95 -3.91
O4 FAD B . 1.54 4.99 -5.27
C4X FAD B . 1.47 3.66 -3.18
N5 FAD B . 1.17 2.45 -3.83
C5X FAD B . 0.96 1.29 -3.06
C6 FAD B . 0.65 0.08 -3.73
C7 FAD B . 0.43 -1.06 -2.97
C7M FAD B . 0.10 -2.35 -3.68
C8 FAD B . 0.51 -1.02 -1.58
C8M FAD B . 0.27 -2.26 -0.78
C9 FAD B . 0.80 0.17 -0.92
C9A FAD B . 1.02 1.32 -1.67
N10 FAD B . 1.33 2.54 -0.99
C10 FAD B . 1.53 3.70 -1.74
C1' FAD B . 1.37 2.60 0.49
C2' FAD B . 2.71 2.39 1.18
O2' FAD B . 3.62 1.85 0.30
C3' FAD B . 2.49 1.42 2.35
O3' FAD B . 2.57 0.13 1.85
C4' FAD B . 1.18 1.57 3.11
O4' FAD B . 0.98 2.89 3.51
C5' FAD B . 1.10 0.65 4.34
O5' FAD B . -0.22 0.62 4.84
P FAD B . -0.89 -0.63 5.67
O1P FAD B . -2.46 -0.69 5.73
O2P FAD B . -0.11 -1.81 4.97
O3P FAD B . -0.03 -0.68 7.04
C 2OP C . 6.34 3.21 -3.34
O 2OP C . 7.00 3.55 -4.38
CB 2OP C . 4.67 1.40 -3.24
OHN 2OP C . 4.30 3.27 -4.66
CA 2OP C . 4.86 2.89 -3.41
OXT 2OP C . 6.93 3.13 -2.24
O1 PG4 D . -23.03 -1.84 2.69
C1 PG4 D . -22.94 -2.29 1.39
C2 PG4 D . -21.76 -1.67 0.73
O2 PG4 D . -21.88 -1.72 -0.64
C3 PG4 D . -22.78 -0.89 -1.27
C4 PG4 D . -22.37 -0.74 -2.69
O3 PG4 D . -23.48 -0.67 -3.50
C5 PG4 D . -24.44 0.28 -3.29
C6 PG4 D . -25.77 -0.34 -3.56
O4 PG4 D . -26.46 0.45 -4.45
C7 PG4 D . -27.72 0.93 -4.11
C8 PG4 D . -27.60 2.36 -3.73
O5 PG4 D . -28.65 2.71 -2.90
O1 PG4 E . 19.43 -8.25 6.62
C1 PG4 E . 18.75 -7.95 7.77
C2 PG4 E . 18.42 -6.49 7.79
O2 PG4 E . 17.13 -6.31 8.25
C3 PG4 E . 16.38 -5.23 7.82
C4 PG4 E . 15.33 -5.67 6.86
O3 PG4 E . 14.09 -5.21 7.28
C5 PG4 E . 12.97 -5.39 6.50
C6 PG4 E . 12.29 -6.68 6.83
O4 PG4 E . 11.10 -6.45 7.50
C7 PG4 E . 10.88 -7.00 8.75
C8 PG4 E . 9.53 -6.61 9.26
O5 PG4 E . 9.57 -6.36 10.62
#